data_6M9G
#
_entry.id   6M9G
#
_cell.length_a   86.106
_cell.length_b   173.304
_cell.length_c   107.054
_cell.angle_alpha   90.00
_cell.angle_beta   90.00
_cell.angle_gamma   90.00
#
_symmetry.space_group_name_H-M   'C 2 2 21'
#
loop_
_entity.id
_entity.type
_entity.pdbx_description
1 polymer 'BbvCI endonuclease subunit 2'
2 non-polymer 'HEXATANTALUM DODECABROMIDE'
3 non-polymer 'BROMIDE ION'
4 non-polymer 1,2-ETHANEDIOL
5 non-polymer 'SULFATE ION'
6 non-polymer 'ACETATE ION'
7 water water
#
_entity_poly.entity_id   1
_entity_poly.type   'polypeptide(L)'
_entity_poly.pdbx_seq_one_letter_code
;MFNQFNPLVYTHGGKLERKSKKDKTASKVFEEFGVMEAYNCWKEASLCIQQRDKDSVLKLVAALNTYKDAVEPIFDSRLN
SAQEVLQPSILEEFFEYLFSRIDSIVGVNIPIRHPAKGYLSLSFNPHNIETLIQSPEYTVRAKDHDFIIGGSAKLTIQGH
GGEGETTNIVVPAVAIECKRYLERNMLDECAGTAERLKRATPYCLYFVVAEYLKLDDGAPELTEIDEIYILRHQRNSERN
KPGFKPNPIDGELIWDLYQEVMNHLGKIWWDPNSALQRGKVFNRP
;
_entity_poly.pdbx_strand_id   A,B
#
loop_
_chem_comp.id
_chem_comp.type
_chem_comp.name
_chem_comp.formula
ACT non-polymer 'ACETATE ION' 'C2 H3 O2 -1'
BR non-polymer 'BROMIDE ION' 'Br -1'
EDO non-polymer 1,2-ETHANEDIOL 'C2 H6 O2'
SO4 non-polymer 'SULFATE ION' 'O4 S -2'
TBR non-polymer 'HEXATANTALUM DODECABROMIDE' 'Br12 Ta6'
#
# COMPACT_ATOMS: atom_id res chain seq x y z
N GLN A 4 6.97 6.10 -31.97
CA GLN A 4 6.18 5.09 -32.71
C GLN A 4 5.43 4.18 -31.73
N PHE A 5 4.44 3.47 -32.27
CA PHE A 5 3.57 2.65 -31.45
C PHE A 5 3.73 1.21 -31.95
N ASN A 6 3.95 0.29 -31.02
CA ASN A 6 4.34 -1.06 -31.39
C ASN A 6 4.11 -1.95 -30.19
N PRO A 7 3.11 -2.85 -30.18
CA PRO A 7 2.93 -3.78 -29.05
C PRO A 7 3.69 -5.11 -29.16
N LEU A 8 4.36 -5.35 -30.31
CA LEU A 8 5.06 -6.60 -30.56
C LEU A 8 6.49 -6.18 -30.94
N VAL A 9 7.38 -6.06 -29.97
CA VAL A 9 8.76 -5.68 -30.28
C VAL A 9 9.70 -6.88 -30.33
N TYR A 10 9.25 -8.13 -30.06
CA TYR A 10 10.07 -9.34 -30.13
C TYR A 10 11.39 -9.14 -29.40
N THR A 11 11.36 -9.04 -28.07
CA THR A 11 12.57 -8.95 -27.27
C THR A 11 13.41 -10.22 -27.44
N HIS A 12 12.78 -11.41 -27.37
CA HIS A 12 13.59 -12.62 -27.54
C HIS A 12 14.05 -12.74 -29.00
N GLY A 13 13.15 -12.55 -29.95
CA GLY A 13 13.58 -12.62 -31.35
C GLY A 13 14.76 -11.68 -31.60
N GLY A 14 14.69 -10.49 -31.02
CA GLY A 14 15.71 -9.48 -31.27
C GLY A 14 17.07 -9.90 -30.70
N LYS A 15 17.02 -10.59 -29.56
CA LYS A 15 18.24 -11.12 -28.98
C LYS A 15 18.88 -12.17 -29.88
N LEU A 16 18.09 -13.12 -30.43
CA LEU A 16 18.63 -14.18 -31.25
C LEU A 16 19.25 -13.56 -32.50
N GLU A 17 18.47 -12.68 -33.15
CA GLU A 17 18.90 -11.99 -34.36
C GLU A 17 20.20 -11.25 -34.11
N ARG A 18 20.37 -10.59 -32.96
CA ARG A 18 21.63 -9.87 -32.78
C ARG A 18 22.76 -10.83 -32.46
N LYS A 19 22.54 -11.82 -31.58
CA LYS A 19 23.58 -12.81 -31.31
C LYS A 19 24.07 -13.48 -32.61
N SER A 20 23.14 -13.78 -33.52
CA SER A 20 23.40 -14.52 -34.74
C SER A 20 24.19 -13.69 -35.77
N LYS A 21 24.09 -12.36 -35.70
CA LYS A 21 24.82 -11.47 -36.60
C LYS A 21 26.22 -11.23 -36.04
N LYS A 22 26.35 -11.27 -34.71
CA LYS A 22 27.56 -10.81 -34.04
C LYS A 22 28.42 -11.98 -33.58
N ASP A 23 27.80 -13.08 -33.12
CA ASP A 23 28.56 -14.20 -32.56
C ASP A 23 28.53 -15.40 -33.51
N LYS A 24 29.54 -15.50 -34.38
CA LYS A 24 29.62 -16.55 -35.39
C LYS A 24 29.49 -17.94 -34.76
N THR A 25 30.07 -18.12 -33.56
CA THR A 25 29.97 -19.39 -32.86
C THR A 25 28.53 -19.73 -32.55
N ALA A 26 27.76 -18.74 -32.10
CA ALA A 26 26.39 -18.98 -31.66
C ALA A 26 25.47 -19.17 -32.87
N SER A 27 25.81 -18.51 -33.98
CA SER A 27 24.90 -18.54 -35.11
C SER A 27 24.98 -19.90 -35.82
N LYS A 28 26.17 -20.49 -35.86
CA LYS A 28 26.47 -21.87 -36.22
C LYS A 28 25.60 -22.81 -35.39
N VAL A 29 25.69 -22.70 -34.06
CA VAL A 29 24.85 -23.48 -33.15
C VAL A 29 23.36 -23.31 -33.45
N PHE A 30 22.89 -22.06 -33.65
CA PHE A 30 21.49 -21.82 -34.00
C PHE A 30 21.07 -22.62 -35.23
N GLU A 31 21.86 -22.60 -36.31
CA GLU A 31 21.50 -23.24 -37.58
C GLU A 31 21.51 -24.76 -37.40
N GLU A 32 22.57 -25.31 -36.80
CA GLU A 32 22.75 -26.74 -36.68
C GLU A 32 21.68 -27.35 -35.78
N PHE A 33 21.13 -26.60 -34.81
CA PHE A 33 20.18 -27.24 -33.92
C PHE A 33 18.76 -26.70 -34.16
N GLY A 34 18.59 -25.87 -35.20
CA GLY A 34 17.29 -25.41 -35.65
C GLY A 34 16.57 -24.44 -34.71
N VAL A 35 17.33 -23.54 -34.07
CA VAL A 35 16.74 -22.61 -33.10
C VAL A 35 15.87 -21.57 -33.83
N MET A 36 16.35 -21.00 -34.94
CA MET A 36 15.59 -19.97 -35.63
C MET A 36 14.26 -20.54 -36.12
N GLU A 37 14.29 -21.80 -36.62
CA GLU A 37 13.07 -22.45 -37.05
C GLU A 37 12.11 -22.64 -35.88
N ALA A 38 12.57 -23.22 -34.77
CA ALA A 38 11.71 -23.38 -33.59
C ALA A 38 11.18 -22.02 -33.10
N TYR A 39 12.01 -20.97 -33.14
CA TYR A 39 11.56 -19.65 -32.72
C TYR A 39 10.46 -19.19 -33.67
N ASN A 40 10.69 -19.23 -35.00
CA ASN A 40 9.69 -18.81 -35.97
C ASN A 40 8.34 -19.49 -35.76
N CYS A 41 8.38 -20.78 -35.37
CA CYS A 41 7.19 -21.56 -35.10
C CYS A 41 6.49 -21.08 -33.84
N TRP A 42 7.27 -20.69 -32.83
CA TRP A 42 6.66 -20.17 -31.62
C TRP A 42 5.92 -18.85 -31.91
N LYS A 43 6.59 -17.94 -32.61
CA LYS A 43 6.01 -16.63 -32.90
C LYS A 43 4.71 -16.80 -33.69
N GLU A 44 4.77 -17.52 -34.80
CA GLU A 44 3.62 -17.80 -35.67
C GLU A 44 2.46 -18.48 -34.93
N ALA A 45 2.72 -19.51 -34.13
CA ALA A 45 1.64 -20.06 -33.31
C ALA A 45 1.12 -19.05 -32.27
N SER A 46 1.97 -18.18 -31.73
CA SER A 46 1.50 -17.22 -30.73
C SER A 46 0.64 -16.12 -31.35
N LEU A 47 1.13 -15.56 -32.47
CA LEU A 47 0.47 -14.50 -33.22
C LEU A 47 -0.88 -14.94 -33.78
N CYS A 48 -1.01 -16.22 -34.09
CA CYS A 48 -2.22 -16.79 -34.71
C CYS A 48 -3.36 -17.08 -33.72
N ILE A 49 -3.12 -16.91 -32.41
CA ILE A 49 -4.20 -17.16 -31.47
C ILE A 49 -4.89 -15.83 -31.22
N GLN A 50 -6.15 -15.71 -31.66
CA GLN A 50 -6.78 -14.41 -31.84
C GLN A 50 -7.58 -14.07 -30.60
N GLN A 51 -8.21 -15.05 -29.95
CA GLN A 51 -9.01 -14.68 -28.79
C GLN A 51 -8.16 -14.74 -27.53
N ARG A 52 -8.76 -14.31 -26.41
CA ARG A 52 -8.11 -14.38 -25.10
C ARG A 52 -9.03 -15.00 -24.04
N ASP A 53 -9.94 -15.88 -24.45
CA ASP A 53 -10.66 -16.71 -23.51
C ASP A 53 -9.65 -17.68 -22.88
N LYS A 54 -10.09 -18.39 -21.86
CA LYS A 54 -9.30 -19.36 -21.11
C LYS A 54 -8.62 -20.36 -22.04
N ASP A 55 -9.33 -20.91 -23.03
CA ASP A 55 -8.68 -21.96 -23.83
C ASP A 55 -7.55 -21.40 -24.68
N SER A 56 -7.77 -20.20 -25.24
CA SER A 56 -6.73 -19.54 -26.03
C SER A 56 -5.49 -19.25 -25.17
N VAL A 57 -5.69 -18.87 -23.91
CA VAL A 57 -4.52 -18.59 -23.08
C VAL A 57 -3.76 -19.89 -22.83
N LEU A 58 -4.48 -21.01 -22.66
CA LEU A 58 -3.83 -22.30 -22.43
C LEU A 58 -3.05 -22.75 -23.67
N LYS A 59 -3.57 -22.39 -24.87
CA LYS A 59 -2.90 -22.67 -26.13
C LYS A 59 -1.59 -21.88 -26.23
N LEU A 60 -1.60 -20.59 -25.86
CA LEU A 60 -0.38 -19.81 -25.85
C LEU A 60 0.66 -20.46 -24.94
N VAL A 61 0.22 -20.98 -23.79
CA VAL A 61 1.12 -21.60 -22.84
C VAL A 61 1.71 -22.88 -23.39
N ALA A 62 0.89 -23.70 -24.06
CA ALA A 62 1.41 -24.90 -24.72
C ALA A 62 2.50 -24.52 -25.74
N ALA A 63 2.28 -23.47 -26.56
CA ALA A 63 3.29 -23.10 -27.53
C ALA A 63 4.57 -22.68 -26.79
N LEU A 64 4.39 -22.04 -25.62
CA LEU A 64 5.52 -21.54 -24.83
C LEU A 64 6.31 -22.73 -24.30
N ASN A 65 5.59 -23.68 -23.72
CA ASN A 65 6.20 -24.91 -23.20
C ASN A 65 7.02 -25.62 -24.27
N THR A 66 6.45 -25.70 -25.49
CA THR A 66 7.07 -26.41 -26.59
C THR A 66 8.36 -25.70 -26.95
N TYR A 67 8.28 -24.38 -27.09
CA TYR A 67 9.44 -23.65 -27.54
C TYR A 67 10.58 -23.78 -26.52
N LYS A 68 10.25 -23.71 -25.22
CA LYS A 68 11.24 -23.81 -24.16
C LYS A 68 11.86 -25.21 -24.11
N ASP A 69 11.01 -26.23 -24.26
CA ASP A 69 11.48 -27.60 -24.36
C ASP A 69 12.44 -27.77 -25.53
N ALA A 70 12.17 -27.08 -26.64
CA ALA A 70 13.01 -27.22 -27.82
C ALA A 70 14.32 -26.50 -27.57
N VAL A 71 14.24 -25.28 -27.05
CA VAL A 71 15.39 -24.40 -27.21
C VAL A 71 16.23 -24.31 -25.93
N GLU A 72 15.63 -24.49 -24.75
CA GLU A 72 16.41 -24.26 -23.54
C GLU A 72 17.54 -25.28 -23.36
N PRO A 73 17.34 -26.59 -23.66
CA PRO A 73 18.46 -27.53 -23.59
C PRO A 73 19.63 -27.15 -24.49
N ILE A 74 19.38 -26.45 -25.61
CA ILE A 74 20.45 -25.94 -26.47
C ILE A 74 21.19 -24.78 -25.80
N PHE A 75 20.46 -23.73 -25.39
CA PHE A 75 21.03 -22.65 -24.58
C PHE A 75 21.90 -23.18 -23.43
N ASP A 76 21.39 -24.13 -22.66
CA ASP A 76 22.07 -24.62 -21.46
C ASP A 76 23.35 -25.37 -21.82
N SER A 77 23.27 -26.34 -22.75
CA SER A 77 24.42 -27.20 -22.95
C SER A 77 25.36 -26.73 -24.06
N ARG A 78 24.87 -25.95 -25.05
CA ARG A 78 25.69 -25.73 -26.25
C ARG A 78 26.24 -24.30 -26.30
N LEU A 79 25.82 -23.45 -25.37
CA LEU A 79 26.24 -22.05 -25.43
C LEU A 79 26.79 -21.61 -24.07
N ASN A 80 25.99 -21.83 -23.01
CA ASN A 80 26.37 -21.68 -21.61
C ASN A 80 26.37 -20.20 -21.20
N SER A 81 27.57 -19.62 -21.11
CA SER A 81 27.73 -18.24 -20.71
C SER A 81 27.46 -17.30 -21.88
N ALA A 82 27.49 -17.88 -23.10
CA ALA A 82 27.12 -17.16 -24.31
C ALA A 82 25.60 -17.09 -24.46
N GLN A 83 24.87 -17.77 -23.54
CA GLN A 83 23.42 -17.69 -23.40
C GLN A 83 22.94 -16.26 -23.11
N GLU A 84 23.86 -15.41 -22.63
CA GLU A 84 23.68 -13.96 -22.63
C GLU A 84 22.33 -13.58 -22.01
N VAL A 85 21.54 -12.88 -22.82
CA VAL A 85 20.21 -12.46 -22.38
C VAL A 85 19.21 -13.42 -23.01
N LEU A 86 19.73 -14.54 -23.57
CA LEU A 86 18.88 -15.37 -24.43
C LEU A 86 17.74 -16.00 -23.67
N GLN A 87 18.00 -16.77 -22.62
CA GLN A 87 16.95 -17.54 -21.96
C GLN A 87 15.91 -16.62 -21.31
N PRO A 88 16.32 -15.59 -20.53
CA PRO A 88 15.34 -14.75 -19.82
C PRO A 88 14.31 -13.99 -20.67
N SER A 89 14.71 -13.64 -21.89
CA SER A 89 13.81 -12.87 -22.74
C SER A 89 12.60 -13.70 -23.21
N ILE A 90 12.66 -15.04 -23.12
CA ILE A 90 11.54 -15.82 -23.60
C ILE A 90 10.28 -15.45 -22.83
N LEU A 91 10.32 -15.46 -21.51
CA LEU A 91 9.13 -15.06 -20.75
C LEU A 91 8.69 -13.64 -21.10
N GLU A 92 9.61 -12.74 -21.41
CA GLU A 92 9.25 -11.36 -21.72
C GLU A 92 8.49 -11.32 -23.03
N GLU A 93 9.05 -11.99 -24.05
CA GLU A 93 8.36 -12.03 -25.32
C GLU A 93 7.00 -12.71 -25.13
N PHE A 94 6.93 -13.70 -24.24
CA PHE A 94 5.67 -14.37 -23.95
C PHE A 94 4.60 -13.36 -23.49
N PHE A 95 4.95 -12.48 -22.54
CA PHE A 95 3.98 -11.53 -22.01
C PHE A 95 3.59 -10.54 -23.10
N GLU A 96 4.50 -10.23 -24.02
CA GLU A 96 4.13 -9.36 -25.12
C GLU A 96 3.07 -10.03 -25.99
N TYR A 97 3.16 -11.38 -26.18
CA TYR A 97 2.13 -12.03 -26.97
C TYR A 97 0.83 -11.98 -26.19
N LEU A 98 0.95 -12.28 -24.87
CA LEU A 98 -0.25 -12.46 -24.07
C LEU A 98 -1.07 -11.18 -24.09
N PHE A 99 -0.39 -10.02 -24.12
CA PHE A 99 -1.06 -8.74 -23.89
C PHE A 99 -1.13 -7.89 -25.16
N SER A 100 -0.86 -8.50 -26.33
CA SER A 100 -0.77 -7.74 -27.57
C SER A 100 -2.16 -7.30 -28.02
N ARG A 101 -3.20 -7.94 -27.53
CA ARG A 101 -4.52 -7.55 -28.05
C ARG A 101 -5.31 -6.68 -27.05
N ILE A 102 -4.71 -6.11 -25.99
CA ILE A 102 -5.56 -5.47 -24.97
C ILE A 102 -6.21 -4.16 -25.43
N ASP A 103 -5.67 -3.58 -26.48
CA ASP A 103 -6.08 -2.26 -26.95
C ASP A 103 -7.58 -2.01 -27.06
N SER A 104 -8.38 -2.94 -27.63
CA SER A 104 -9.82 -2.66 -27.77
C SER A 104 -10.61 -2.87 -26.47
N ILE A 105 -10.18 -3.86 -25.67
CA ILE A 105 -10.86 -4.15 -24.42
C ILE A 105 -10.76 -2.94 -23.49
N VAL A 106 -9.65 -2.21 -23.60
CA VAL A 106 -9.31 -1.19 -22.65
C VAL A 106 -9.64 0.20 -23.20
N GLY A 107 -9.88 0.30 -24.51
CA GLY A 107 -10.32 1.56 -25.09
C GLY A 107 -9.18 2.50 -25.48
N VAL A 108 -7.91 2.06 -25.38
CA VAL A 108 -6.82 2.98 -25.71
C VAL A 108 -5.57 2.24 -26.15
N ASN A 109 -4.77 2.90 -27.00
CA ASN A 109 -3.56 2.23 -27.48
C ASN A 109 -2.49 2.42 -26.42
N ILE A 110 -2.04 1.31 -25.84
CA ILE A 110 -1.04 1.35 -24.78
C ILE A 110 0.35 1.38 -25.40
N PRO A 111 1.17 2.42 -25.18
CA PRO A 111 2.48 2.51 -25.84
C PRO A 111 3.57 1.59 -25.30
N ILE A 112 3.53 1.21 -24.03
CA ILE A 112 4.64 0.40 -23.55
C ILE A 112 4.09 -0.98 -23.20
N ARG A 113 4.71 -2.03 -23.74
CA ARG A 113 4.42 -3.42 -23.40
C ARG A 113 5.66 -4.23 -23.69
N HIS A 114 6.68 -3.97 -22.90
CA HIS A 114 8.00 -4.50 -23.11
C HIS A 114 8.82 -4.15 -21.88
N PRO A 115 10.04 -4.70 -21.76
CA PRO A 115 10.93 -4.39 -20.63
C PRO A 115 11.28 -2.92 -20.78
N ALA A 116 11.44 -2.22 -19.65
CA ALA A 116 11.57 -0.77 -19.65
C ALA A 116 11.82 -0.32 -18.21
N LYS A 117 12.24 0.94 -18.05
CA LYS A 117 12.62 1.46 -16.74
C LYS A 117 11.49 2.33 -16.25
N GLY A 118 10.77 1.90 -15.20
CA GLY A 118 9.63 2.65 -14.77
C GLY A 118 10.05 3.69 -13.73
N TYR A 119 9.41 4.85 -13.81
CA TYR A 119 9.80 6.03 -13.07
C TYR A 119 9.75 5.72 -11.57
N LEU A 120 10.78 6.08 -10.79
CA LEU A 120 10.68 5.94 -9.35
C LEU A 120 10.65 7.31 -8.67
N SER A 121 11.62 8.20 -8.95
CA SER A 121 11.72 9.46 -8.23
C SER A 121 12.36 10.56 -9.08
N LEU A 122 12.14 11.81 -8.64
CA LEU A 122 12.72 13.00 -9.22
C LEU A 122 13.40 13.74 -8.07
N SER A 123 14.69 13.99 -8.19
CA SER A 123 15.40 14.76 -7.21
C SER A 123 16.31 15.77 -7.89
N PHE A 124 16.77 16.75 -7.11
CA PHE A 124 17.42 17.90 -7.67
C PHE A 124 18.84 17.92 -7.19
N ASN A 125 19.75 18.16 -8.12
CA ASN A 125 21.16 18.23 -7.76
C ASN A 125 21.79 19.41 -8.52
N PRO A 126 21.37 20.69 -8.28
CA PRO A 126 21.93 21.82 -9.00
C PRO A 126 23.46 21.87 -8.87
N HIS A 127 24.12 22.26 -9.96
CA HIS A 127 25.52 22.61 -10.01
C HIS A 127 25.92 23.77 -9.09
N ASN A 128 25.17 24.86 -8.99
CA ASN A 128 25.53 25.97 -8.11
C ASN A 128 24.33 26.90 -8.05
N ILE A 129 24.47 28.00 -7.32
CA ILE A 129 23.34 28.90 -7.06
C ILE A 129 22.81 29.49 -8.38
N GLU A 130 23.69 29.71 -9.37
CA GLU A 130 23.36 30.17 -10.70
C GLU A 130 22.40 29.19 -11.38
N THR A 131 22.87 27.97 -11.55
CA THR A 131 22.08 26.85 -12.04
C THR A 131 20.77 26.67 -11.28
N LEU A 132 20.76 26.67 -9.95
CA LEU A 132 19.51 26.47 -9.22
C LEU A 132 18.47 27.50 -9.70
N ILE A 133 18.85 28.76 -9.97
CA ILE A 133 17.86 29.75 -10.36
C ILE A 133 17.51 29.67 -11.85
N GLN A 134 18.51 29.43 -12.71
CA GLN A 134 18.38 29.53 -14.15
C GLN A 134 17.77 28.24 -14.71
N SER A 135 18.27 27.08 -14.27
CA SER A 135 17.99 25.80 -14.89
C SER A 135 18.41 24.62 -13.99
N PRO A 136 17.67 24.23 -12.93
CA PRO A 136 18.23 23.33 -11.92
C PRO A 136 18.37 21.89 -12.42
N GLU A 137 19.60 21.36 -12.42
CA GLU A 137 19.86 20.00 -12.83
C GLU A 137 19.14 19.03 -11.90
N TYR A 138 18.64 17.96 -12.51
CA TYR A 138 17.88 16.97 -11.75
C TYR A 138 18.14 15.57 -12.28
N THR A 139 17.72 14.58 -11.48
CA THR A 139 17.90 13.16 -11.74
C THR A 139 16.53 12.47 -11.62
N VAL A 140 16.13 11.71 -12.63
CA VAL A 140 15.05 10.76 -12.56
C VAL A 140 15.63 9.38 -12.24
N ARG A 141 15.32 8.84 -11.05
CA ARG A 141 15.67 7.44 -10.79
C ARG A 141 14.55 6.56 -11.36
N ALA A 142 14.94 5.45 -11.99
CA ALA A 142 13.95 4.59 -12.62
C ALA A 142 14.40 3.14 -12.43
N LYS A 143 13.47 2.19 -12.54
CA LYS A 143 13.86 0.82 -12.28
C LYS A 143 13.56 -0.02 -13.50
N ASP A 144 14.58 -0.78 -13.93
CA ASP A 144 14.41 -1.76 -15.00
C ASP A 144 13.47 -2.84 -14.49
N HIS A 145 12.38 -3.07 -15.22
CA HIS A 145 11.53 -4.21 -15.00
C HIS A 145 11.52 -5.06 -16.27
N ASP A 146 11.31 -6.36 -16.05
CA ASP A 146 11.35 -7.34 -17.13
C ASP A 146 10.19 -7.10 -18.08
N PHE A 147 9.09 -6.55 -17.60
CA PHE A 147 7.99 -6.26 -18.52
C PHE A 147 7.05 -5.24 -17.86
N ILE A 148 6.72 -4.19 -18.61
CA ILE A 148 5.87 -3.12 -18.15
C ILE A 148 4.69 -2.97 -19.10
N ILE A 149 3.49 -2.79 -18.55
CA ILE A 149 2.36 -2.22 -19.30
C ILE A 149 2.13 -0.81 -18.77
N GLY A 150 2.31 0.18 -19.64
CA GLY A 150 2.33 1.55 -19.15
C GLY A 150 2.32 2.61 -20.24
N GLY A 151 2.38 3.86 -19.79
CA GLY A 151 2.36 5.05 -20.63
C GLY A 151 3.74 5.67 -20.53
N SER A 152 4.03 6.55 -21.47
CA SER A 152 5.26 7.28 -21.47
C SER A 152 4.88 8.75 -21.50
N ALA A 153 5.70 9.58 -20.85
CA ALA A 153 5.38 10.98 -20.68
C ALA A 153 6.69 11.76 -20.76
N LYS A 154 6.57 13.05 -21.06
CA LYS A 154 7.67 13.97 -21.00
C LYS A 154 7.58 14.81 -19.73
N LEU A 155 8.71 14.88 -19.01
CA LEU A 155 8.92 15.66 -17.80
C LEU A 155 9.87 16.80 -18.15
N THR A 156 9.38 18.04 -18.04
CA THR A 156 10.21 19.21 -18.27
C THR A 156 10.32 20.03 -16.98
N ILE A 157 11.55 20.43 -16.65
CA ILE A 157 11.84 21.38 -15.59
C ILE A 157 12.33 22.67 -16.24
N GLN A 158 11.78 23.80 -15.80
CA GLN A 158 12.29 25.08 -16.26
C GLN A 158 12.48 26.07 -15.10
N GLY A 159 13.66 26.71 -15.10
CA GLY A 159 13.98 27.81 -14.21
C GLY A 159 13.65 29.18 -14.80
N HIS A 160 14.19 30.23 -14.19
CA HIS A 160 13.99 31.63 -14.57
C HIS A 160 14.55 31.92 -15.95
N GLY A 161 15.69 31.32 -16.28
CA GLY A 161 16.24 31.41 -17.64
C GLY A 161 15.48 30.60 -18.69
N GLY A 162 14.14 30.67 -18.65
CA GLY A 162 13.25 30.13 -19.68
C GLY A 162 13.29 28.61 -19.90
N GLU A 163 14.38 28.11 -20.50
CA GLU A 163 14.30 26.97 -21.41
C GLU A 163 14.18 25.63 -20.67
N GLY A 164 13.32 24.74 -21.18
CA GLY A 164 13.04 23.45 -20.57
C GLY A 164 14.13 22.37 -20.76
N GLU A 165 14.48 21.66 -19.67
CA GLU A 165 15.26 20.43 -19.69
C GLU A 165 14.28 19.26 -19.59
N THR A 166 14.23 18.41 -20.62
CA THR A 166 13.17 17.42 -20.80
C THR A 166 13.68 15.99 -20.65
N THR A 167 12.89 15.12 -20.00
CA THR A 167 13.24 13.72 -19.92
C THR A 167 12.01 12.87 -20.23
N ASN A 168 12.24 11.80 -21.00
CA ASN A 168 11.26 10.78 -21.30
C ASN A 168 11.11 9.86 -20.09
N ILE A 169 9.86 9.61 -19.67
CA ILE A 169 9.78 8.62 -18.60
C ILE A 169 8.73 7.58 -18.97
N VAL A 170 8.71 6.52 -18.19
CA VAL A 170 7.67 5.54 -18.37
C VAL A 170 6.95 5.48 -17.03
N VAL A 171 5.62 5.54 -17.07
CA VAL A 171 4.76 5.39 -15.90
C VAL A 171 3.97 4.09 -16.04
N PRO A 172 4.28 3.04 -15.24
CA PRO A 172 3.66 1.72 -15.44
C PRO A 172 2.28 1.65 -14.80
N ALA A 173 1.36 0.87 -15.40
CA ALA A 173 0.16 0.37 -14.76
C ALA A 173 0.39 -1.05 -14.20
N VAL A 174 1.28 -1.80 -14.85
CA VAL A 174 1.64 -3.16 -14.44
C VAL A 174 3.13 -3.35 -14.68
N ALA A 175 3.83 -4.04 -13.78
CA ALA A 175 5.25 -4.28 -13.96
C ALA A 175 5.47 -5.70 -13.46
N ILE A 176 6.21 -6.50 -14.22
CA ILE A 176 6.35 -7.90 -13.90
C ILE A 176 7.83 -8.24 -14.02
N GLU A 177 8.42 -8.79 -12.97
CA GLU A 177 9.77 -9.37 -13.07
C GLU A 177 9.68 -10.84 -13.50
N CYS A 178 10.60 -11.29 -14.37
CA CYS A 178 10.55 -12.66 -14.87
C CYS A 178 11.90 -13.33 -14.66
N LYS A 179 11.91 -14.45 -13.92
CA LYS A 179 13.13 -15.15 -13.61
C LYS A 179 12.95 -16.65 -13.85
N ARG A 180 14.08 -17.35 -13.99
CA ARG A 180 14.06 -18.79 -14.08
C ARG A 180 13.85 -19.35 -12.66
N TYR A 181 14.67 -18.92 -11.73
CA TYR A 181 14.47 -19.34 -10.35
C TYR A 181 14.54 -18.14 -9.41
N LEU A 182 13.72 -18.17 -8.35
CA LEU A 182 13.65 -17.14 -7.33
C LEU A 182 14.45 -17.56 -6.11
N GLU A 183 15.50 -16.81 -5.77
CA GLU A 183 16.29 -17.08 -4.58
C GLU A 183 16.16 -15.90 -3.63
N ARG A 184 16.87 -15.93 -2.49
CA ARG A 184 16.67 -14.98 -1.40
C ARG A 184 17.03 -13.56 -1.82
N ASN A 185 18.24 -13.38 -2.34
CA ASN A 185 18.73 -12.08 -2.76
C ASN A 185 17.76 -11.39 -3.71
N MET A 186 17.26 -12.11 -4.71
CA MET A 186 16.38 -11.50 -5.70
C MET A 186 15.04 -11.14 -5.06
N LEU A 187 14.53 -11.99 -4.18
CA LEU A 187 13.22 -11.71 -3.60
C LEU A 187 13.29 -10.45 -2.73
N ASP A 188 14.36 -10.30 -1.95
CA ASP A 188 14.57 -9.13 -1.11
C ASP A 188 14.67 -7.87 -1.98
N GLU A 189 15.45 -7.97 -3.06
CA GLU A 189 15.61 -6.86 -3.99
C GLU A 189 14.24 -6.49 -4.59
N CYS A 190 13.36 -7.48 -4.80
CA CYS A 190 12.06 -7.22 -5.40
C CYS A 190 11.13 -6.53 -4.40
N ALA A 191 11.24 -6.90 -3.13
CA ALA A 191 10.43 -6.35 -2.06
C ALA A 191 10.80 -4.90 -1.81
N GLY A 192 12.12 -4.60 -1.91
CA GLY A 192 12.59 -3.23 -1.82
C GLY A 192 12.08 -2.38 -2.98
N THR A 193 12.03 -2.96 -4.18
CA THR A 193 11.59 -2.23 -5.36
C THR A 193 10.09 -1.97 -5.26
N ALA A 194 9.36 -2.94 -4.72
CA ALA A 194 7.92 -2.79 -4.55
C ALA A 194 7.61 -1.62 -3.64
N GLU A 195 8.36 -1.45 -2.57
CA GLU A 195 8.17 -0.30 -1.68
C GLU A 195 8.37 1.01 -2.44
N ARG A 196 9.48 1.12 -3.19
CA ARG A 196 9.75 2.32 -3.98
C ARG A 196 8.65 2.48 -5.04
N LEU A 197 8.25 1.38 -5.66
CA LEU A 197 7.35 1.47 -6.81
C LEU A 197 5.97 1.94 -6.38
N LYS A 198 5.57 1.61 -5.17
CA LYS A 198 4.25 1.98 -4.66
C LYS A 198 4.15 3.43 -4.24
N ARG A 199 5.28 4.06 -3.85
CA ARG A 199 5.30 5.49 -3.57
C ARG A 199 5.25 6.26 -4.89
N ALA A 200 5.97 5.78 -5.91
CA ALA A 200 6.06 6.49 -7.18
C ALA A 200 4.73 6.44 -7.95
N THR A 201 4.11 5.27 -7.96
CA THR A 201 2.95 4.98 -8.78
C THR A 201 2.09 4.03 -7.96
N PRO A 202 1.27 4.54 -7.02
CA PRO A 202 0.50 3.65 -6.16
C PRO A 202 -0.47 2.70 -6.87
N TYR A 203 -0.82 3.03 -8.13
CA TYR A 203 -1.79 2.25 -8.87
C TYR A 203 -1.12 1.29 -9.84
N CYS A 204 0.20 1.09 -9.67
CA CYS A 204 0.87 0.03 -10.42
C CYS A 204 0.75 -1.32 -9.72
N LEU A 205 0.28 -2.34 -10.45
CA LEU A 205 0.30 -3.73 -10.04
C LEU A 205 1.72 -4.25 -10.19
N TYR A 206 2.20 -4.96 -9.18
CA TYR A 206 3.55 -5.47 -9.27
C TYR A 206 3.59 -6.98 -9.03
N PHE A 207 4.16 -7.69 -10.00
CA PHE A 207 4.22 -9.14 -9.96
C PHE A 207 5.67 -9.61 -10.04
N VAL A 208 5.99 -10.66 -9.28
CA VAL A 208 7.21 -11.41 -9.52
C VAL A 208 6.87 -12.80 -10.08
N VAL A 209 7.32 -13.06 -11.31
CA VAL A 209 7.10 -14.39 -11.88
C VAL A 209 8.42 -15.16 -11.91
N ALA A 210 8.44 -16.38 -11.34
CA ALA A 210 9.54 -17.29 -11.64
C ALA A 210 9.03 -18.68 -12.03
N GLU A 211 9.91 -19.53 -12.59
CA GLU A 211 9.55 -20.88 -12.94
C GLU A 211 9.81 -21.83 -11.78
N TYR A 212 10.96 -21.65 -11.12
CA TYR A 212 11.38 -22.49 -10.01
C TYR A 212 11.64 -21.66 -8.75
N LEU A 213 11.43 -22.28 -7.58
CA LEU A 213 11.67 -21.64 -6.30
C LEU A 213 12.98 -22.15 -5.71
N LYS A 214 13.73 -21.25 -5.06
CA LYS A 214 15.02 -21.56 -4.47
C LYS A 214 15.17 -20.73 -3.19
N LEU A 215 14.18 -20.82 -2.30
CA LEU A 215 14.24 -20.17 -1.01
C LEU A 215 14.70 -21.17 0.05
N ASP A 216 15.95 -21.00 0.50
CA ASP A 216 16.56 -21.90 1.47
C ASP A 216 15.89 -21.72 2.82
N ASP A 217 15.59 -20.45 3.15
CA ASP A 217 14.99 -20.09 4.42
C ASP A 217 13.48 -19.93 4.23
N GLY A 218 12.72 -20.41 5.22
CA GLY A 218 11.28 -20.18 5.28
C GLY A 218 10.89 -19.09 6.27
N ALA A 219 11.84 -18.20 6.60
CA ALA A 219 11.60 -17.06 7.49
C ALA A 219 10.58 -16.12 6.84
N PRO A 220 9.54 -15.65 7.60
CA PRO A 220 8.40 -14.93 7.01
C PRO A 220 8.45 -13.40 6.97
N GLU A 221 8.24 -12.84 5.76
CA GLU A 221 8.34 -11.41 5.51
C GLU A 221 7.11 -10.95 4.73
N LEU A 222 6.36 -10.01 5.30
CA LEU A 222 5.32 -9.30 4.55
C LEU A 222 5.99 -8.36 3.55
N THR A 223 5.34 -8.16 2.41
CA THR A 223 5.91 -7.40 1.31
C THR A 223 4.82 -6.63 0.56
N GLU A 224 5.24 -5.72 -0.31
CA GLU A 224 4.32 -4.90 -1.07
C GLU A 224 4.14 -5.45 -2.49
N ILE A 225 4.68 -6.63 -2.77
CA ILE A 225 4.48 -7.31 -4.05
C ILE A 225 3.04 -7.83 -4.13
N ASP A 226 2.34 -7.56 -5.21
CA ASP A 226 0.94 -7.98 -5.28
C ASP A 226 0.82 -9.49 -5.47
N GLU A 227 1.66 -10.14 -6.29
CA GLU A 227 1.60 -11.58 -6.50
C GLU A 227 2.97 -12.13 -6.86
N ILE A 228 3.25 -13.33 -6.35
CA ILE A 228 4.40 -14.08 -6.79
C ILE A 228 3.93 -15.44 -7.34
N TYR A 229 4.30 -15.72 -8.60
CA TYR A 229 3.90 -16.94 -9.31
C TYR A 229 5.12 -17.83 -9.51
N ILE A 230 4.99 -19.11 -9.14
CA ILE A 230 6.03 -20.09 -9.43
C ILE A 230 5.42 -21.04 -10.46
N LEU A 231 5.77 -20.84 -11.75
CA LEU A 231 4.97 -21.34 -12.86
C LEU A 231 4.97 -22.87 -12.97
N ARG A 232 6.04 -23.52 -12.47
CA ARG A 232 6.23 -24.96 -12.62
C ARG A 232 6.14 -25.66 -11.27
N HIS A 233 5.83 -24.94 -10.21
CA HIS A 233 5.59 -25.54 -8.91
C HIS A 233 6.69 -26.53 -8.50
N GLN A 234 7.96 -26.29 -8.89
CA GLN A 234 9.03 -27.15 -8.38
C GLN A 234 10.16 -26.31 -7.76
N ARG A 235 11.07 -27.00 -7.05
CA ARG A 235 12.24 -26.41 -6.44
C ARG A 235 13.42 -26.47 -7.42
N ASN A 236 14.31 -25.48 -7.31
CA ASN A 236 15.53 -25.36 -8.11
C ASN A 236 16.65 -26.13 -7.43
N SER A 237 16.40 -27.42 -7.25
CA SER A 237 17.28 -28.31 -6.51
C SER A 237 17.00 -29.69 -7.07
N GLU A 238 15.83 -29.77 -7.70
CA GLU A 238 15.39 -30.91 -8.49
C GLU A 238 16.13 -30.90 -9.82
N ARG A 239 16.52 -29.71 -10.31
CA ARG A 239 17.13 -29.48 -11.63
C ARG A 239 18.50 -30.14 -11.73
N ASN A 240 19.23 -30.11 -10.61
CA ASN A 240 20.53 -30.68 -10.34
C ASN A 240 20.51 -32.23 -10.44
N LYS A 241 19.41 -32.83 -9.96
CA LYS A 241 19.35 -34.25 -9.60
C LYS A 241 19.36 -35.16 -10.83
N PRO A 242 19.93 -36.39 -10.70
CA PRO A 242 19.91 -37.40 -11.76
C PRO A 242 18.52 -37.72 -12.31
N GLY A 243 18.40 -37.73 -13.65
CA GLY A 243 17.16 -38.07 -14.35
C GLY A 243 15.96 -37.25 -13.88
N PHE A 244 15.98 -35.96 -14.21
CA PHE A 244 14.97 -35.01 -13.78
C PHE A 244 14.03 -34.68 -14.95
N LYS A 245 12.72 -34.79 -14.69
CA LYS A 245 11.69 -34.30 -15.59
C LYS A 245 11.13 -32.95 -15.08
N PRO A 246 11.31 -31.83 -15.82
CA PRO A 246 10.71 -30.55 -15.44
C PRO A 246 9.21 -30.52 -15.69
N ASN A 247 8.45 -30.23 -14.65
CA ASN A 247 7.03 -29.90 -14.79
C ASN A 247 6.86 -28.80 -15.84
N PRO A 248 5.79 -28.85 -16.69
CA PRO A 248 5.52 -27.78 -17.63
C PRO A 248 5.15 -26.49 -16.90
N ILE A 249 5.22 -25.34 -17.59
CA ILE A 249 4.64 -24.11 -17.08
C ILE A 249 3.13 -24.30 -17.03
N ASP A 250 2.55 -24.10 -15.84
CA ASP A 250 1.12 -24.27 -15.60
C ASP A 250 0.31 -23.14 -16.24
N GLY A 251 -0.52 -23.53 -17.19
CA GLY A 251 -1.42 -22.64 -17.89
C GLY A 251 -2.44 -21.97 -16.97
N GLU A 252 -2.90 -22.66 -15.92
CA GLU A 252 -3.92 -22.06 -15.08
C GLU A 252 -3.37 -20.86 -14.31
N LEU A 253 -2.08 -20.86 -13.97
CA LEU A 253 -1.49 -19.72 -13.26
C LEU A 253 -1.41 -18.52 -14.19
N ILE A 254 -1.03 -18.77 -15.46
CA ILE A 254 -0.92 -17.68 -16.41
C ILE A 254 -2.33 -17.15 -16.67
N TRP A 255 -3.32 -18.05 -16.78
CA TRP A 255 -4.70 -17.61 -16.91
C TRP A 255 -5.07 -16.75 -15.72
N ASP A 256 -4.68 -17.16 -14.50
CA ASP A 256 -5.02 -16.36 -13.33
C ASP A 256 -4.37 -14.98 -13.42
N LEU A 257 -3.10 -14.91 -13.86
CA LEU A 257 -2.36 -13.66 -13.99
C LEU A 257 -2.98 -12.70 -15.00
N TYR A 258 -3.37 -13.25 -16.16
CA TYR A 258 -4.01 -12.51 -17.24
C TYR A 258 -5.28 -11.83 -16.71
N GLN A 259 -6.10 -12.59 -16.00
CA GLN A 259 -7.38 -12.08 -15.56
C GLN A 259 -7.15 -10.94 -14.56
N GLU A 260 -6.09 -11.06 -13.74
CA GLU A 260 -5.79 -10.08 -12.70
C GLU A 260 -5.33 -8.78 -13.38
N VAL A 261 -4.49 -8.92 -14.40
CA VAL A 261 -4.07 -7.75 -15.16
C VAL A 261 -5.29 -7.09 -15.80
N MET A 262 -6.14 -7.87 -16.47
CA MET A 262 -7.28 -7.27 -17.18
C MET A 262 -8.24 -6.60 -16.20
N ASN A 263 -8.48 -7.19 -15.03
CA ASN A 263 -9.33 -6.55 -14.04
C ASN A 263 -8.72 -5.21 -13.63
N HIS A 264 -7.41 -5.16 -13.46
CA HIS A 264 -6.75 -3.95 -13.02
C HIS A 264 -6.86 -2.85 -14.07
N LEU A 265 -6.71 -3.22 -15.34
CA LEU A 265 -6.63 -2.23 -16.41
C LEU A 265 -8.03 -1.71 -16.74
N GLY A 266 -9.07 -2.36 -16.24
CA GLY A 266 -10.42 -1.88 -16.53
C GLY A 266 -10.95 -0.92 -15.46
N LYS A 267 -10.27 -0.87 -14.29
CA LYS A 267 -10.85 -0.25 -13.11
C LYS A 267 -10.54 1.25 -13.09
N ILE A 268 -11.43 1.98 -12.43
CA ILE A 268 -11.18 3.38 -12.19
C ILE A 268 -10.28 3.42 -10.97
N TRP A 269 -9.10 4.02 -11.10
CA TRP A 269 -8.15 3.84 -10.01
C TRP A 269 -8.33 4.96 -8.98
N TRP A 270 -8.36 6.19 -9.47
CA TRP A 270 -8.47 7.34 -8.61
C TRP A 270 -9.78 8.05 -8.97
N ASP A 271 -10.73 8.07 -8.03
CA ASP A 271 -12.06 8.63 -8.30
C ASP A 271 -12.61 9.41 -7.11
N PRO A 272 -12.20 10.69 -6.95
CA PRO A 272 -12.75 11.57 -5.92
C PRO A 272 -14.26 11.52 -5.73
N ASN A 273 -15.02 11.45 -6.83
CA ASN A 273 -16.47 11.51 -6.75
C ASN A 273 -17.02 10.18 -6.26
N SER A 274 -16.20 9.14 -6.36
CA SER A 274 -16.65 7.81 -5.97
C SER A 274 -16.23 7.51 -4.54
N ALA A 275 -15.82 8.54 -3.78
CA ALA A 275 -15.31 8.28 -2.45
C ALA A 275 -16.24 8.86 -1.39
N LEU A 276 -16.89 9.98 -1.71
CA LEU A 276 -17.91 10.58 -0.85
C LEU A 276 -19.25 9.94 -1.16
N GLN A 277 -19.31 9.19 -2.27
CA GLN A 277 -20.49 8.40 -2.55
C GLN A 277 -20.59 7.27 -1.53
N ARG A 278 -19.62 6.33 -1.53
CA ARG A 278 -19.55 5.14 -0.68
C ARG A 278 -19.44 5.49 0.82
N GLY A 279 -18.32 6.09 1.21
CA GLY A 279 -17.96 6.28 2.60
C GLY A 279 -16.47 5.96 2.77
N LYS A 280 -16.09 4.76 2.31
CA LYS A 280 -14.77 4.13 2.36
C LYS A 280 -13.96 4.54 1.11
N VAL A 281 -12.62 4.44 1.18
CA VAL A 281 -11.73 4.68 0.02
C VAL A 281 -11.36 3.38 -0.74
N PHE A 282 -11.43 2.19 -0.08
CA PHE A 282 -11.20 0.82 -0.59
C PHE A 282 -12.34 -0.12 -0.17
N ASN A 283 -12.14 -1.47 -0.27
CA ASN A 283 -13.04 -2.51 0.25
C ASN A 283 -12.47 -3.14 1.54
N VAL B 9 -12.22 6.72 31.30
CA VAL B 9 -11.39 7.90 30.89
C VAL B 9 -12.28 9.11 30.54
N TYR B 10 -13.05 9.04 29.44
CA TYR B 10 -13.95 10.08 28.93
C TYR B 10 -13.20 11.32 28.47
N THR B 11 -12.66 11.25 27.25
CA THR B 11 -11.79 12.27 26.73
C THR B 11 -12.51 13.60 26.56
N HIS B 12 -13.69 13.55 25.93
CA HIS B 12 -14.44 14.77 25.73
C HIS B 12 -14.98 15.25 27.06
N GLY B 13 -15.57 14.34 27.84
CA GLY B 13 -16.12 14.75 29.12
C GLY B 13 -15.05 15.41 29.99
N GLY B 14 -13.83 14.87 29.90
CA GLY B 14 -12.77 15.35 30.78
C GLY B 14 -12.38 16.76 30.38
N LYS B 15 -12.39 17.02 29.07
CA LYS B 15 -12.09 18.38 28.61
C LYS B 15 -13.14 19.39 29.09
N LEU B 16 -14.44 19.05 28.96
CA LEU B 16 -15.50 19.93 29.43
C LEU B 16 -15.35 20.19 30.93
N GLU B 17 -15.21 19.11 31.71
CA GLU B 17 -15.07 19.17 33.16
C GLU B 17 -13.89 20.06 33.55
N ARG B 18 -12.76 19.96 32.84
CA ARG B 18 -11.66 20.82 33.26
C ARG B 18 -11.89 22.27 32.81
N LYS B 19 -12.38 22.49 31.57
CA LYS B 19 -12.65 23.86 31.16
C LYS B 19 -13.66 24.55 32.10
N SER B 20 -14.64 23.80 32.60
CA SER B 20 -15.70 24.33 33.47
C SER B 20 -15.18 24.73 34.86
N LYS B 21 -14.10 24.08 35.34
CA LYS B 21 -13.49 24.47 36.60
C LYS B 21 -12.51 25.64 36.39
N LYS B 22 -11.91 25.72 35.21
CA LYS B 22 -10.73 26.56 35.02
C LYS B 22 -11.05 27.80 34.19
N ASP B 23 -11.90 27.69 33.15
CA ASP B 23 -12.03 28.73 32.14
C ASP B 23 -13.38 29.44 32.29
N LYS B 24 -13.38 30.55 33.02
CA LYS B 24 -14.56 31.34 33.33
C LYS B 24 -15.37 31.64 32.08
N THR B 25 -14.68 31.95 30.98
CA THR B 25 -15.39 32.36 29.76
C THR B 25 -16.19 31.17 29.23
N ALA B 26 -15.54 30.00 29.26
CA ALA B 26 -16.09 28.83 28.61
C ALA B 26 -17.16 28.20 29.50
N SER B 27 -16.97 28.29 30.80
CA SER B 27 -17.93 27.72 31.73
C SER B 27 -19.29 28.46 31.66
N LYS B 28 -19.24 29.79 31.64
CA LYS B 28 -20.36 30.66 31.33
C LYS B 28 -21.12 30.18 30.08
N VAL B 29 -20.39 30.00 28.98
CA VAL B 29 -21.00 29.56 27.74
C VAL B 29 -21.63 28.17 27.91
N PHE B 30 -20.93 27.26 28.59
CA PHE B 30 -21.46 25.92 28.80
C PHE B 30 -22.82 25.98 29.51
N GLU B 31 -22.95 26.79 30.57
CA GLU B 31 -24.17 26.91 31.35
C GLU B 31 -25.27 27.53 30.50
N GLU B 32 -24.96 28.66 29.85
CA GLU B 32 -25.97 29.43 29.14
C GLU B 32 -26.53 28.64 27.97
N PHE B 33 -25.76 27.72 27.39
CA PHE B 33 -26.28 27.04 26.20
C PHE B 33 -26.51 25.55 26.48
N GLY B 34 -26.35 25.13 27.74
CA GLY B 34 -26.69 23.77 28.17
C GLY B 34 -25.81 22.66 27.61
N VAL B 35 -24.50 22.92 27.51
CA VAL B 35 -23.55 21.94 27.01
C VAL B 35 -23.40 20.72 27.95
N MET B 36 -23.24 20.98 29.24
CA MET B 36 -23.05 19.91 30.23
C MET B 36 -24.24 18.96 30.20
N GLU B 37 -25.46 19.54 30.14
CA GLU B 37 -26.67 18.73 30.11
C GLU B 37 -26.69 17.87 28.86
N ALA B 38 -26.51 18.47 27.67
CA ALA B 38 -26.47 17.71 26.44
C ALA B 38 -25.39 16.62 26.47
N TYR B 39 -24.22 16.94 27.05
CA TYR B 39 -23.17 15.94 27.13
C TYR B 39 -23.66 14.78 27.99
N ASN B 40 -24.18 15.07 29.21
CA ASN B 40 -24.67 14.05 30.12
C ASN B 40 -25.69 13.13 29.47
N CYS B 41 -26.55 13.72 28.65
CA CYS B 41 -27.58 12.96 27.97
C CYS B 41 -26.95 12.02 26.93
N TRP B 42 -25.94 12.49 26.22
CA TRP B 42 -25.26 11.65 25.24
C TRP B 42 -24.59 10.44 25.92
N LYS B 43 -23.88 10.71 27.01
CA LYS B 43 -23.14 9.68 27.71
C LYS B 43 -24.09 8.60 28.25
N GLU B 44 -25.09 9.04 29.02
CA GLU B 44 -26.10 8.17 29.63
C GLU B 44 -26.86 7.36 28.57
N ALA B 45 -27.26 7.96 27.45
CA ALA B 45 -27.89 7.19 26.40
C ALA B 45 -26.88 6.21 25.75
N SER B 46 -25.60 6.57 25.66
CA SER B 46 -24.63 5.70 24.98
C SER B 46 -24.21 4.52 25.84
N LEU B 47 -23.95 4.77 27.12
CA LEU B 47 -23.37 3.77 28.01
C LEU B 47 -24.39 2.70 28.40
N CYS B 48 -25.70 2.98 28.29
CA CYS B 48 -26.70 1.98 28.59
C CYS B 48 -26.99 1.00 27.45
N ILE B 49 -26.41 1.21 26.25
CA ILE B 49 -26.61 0.24 25.18
C ILE B 49 -25.61 -0.90 25.35
N GLN B 50 -26.16 -2.09 25.64
CA GLN B 50 -25.35 -3.23 26.05
C GLN B 50 -24.95 -4.05 24.82
N GLN B 51 -25.85 -4.17 23.85
CA GLN B 51 -25.61 -5.05 22.72
C GLN B 51 -24.88 -4.26 21.64
N ARG B 52 -24.37 -5.01 20.67
CA ARG B 52 -23.62 -4.49 19.56
C ARG B 52 -24.12 -5.13 18.26
N ASP B 53 -25.40 -5.51 18.17
CA ASP B 53 -25.97 -5.81 16.87
C ASP B 53 -26.04 -4.52 16.05
N LYS B 54 -26.35 -4.64 14.76
CA LYS B 54 -26.42 -3.50 13.86
C LYS B 54 -27.35 -2.42 14.42
N ASP B 55 -28.51 -2.78 14.96
CA ASP B 55 -29.47 -1.79 15.42
C ASP B 55 -28.90 -0.97 16.57
N SER B 56 -28.23 -1.64 17.51
CA SER B 56 -27.63 -0.97 18.63
C SER B 56 -26.54 0.00 18.17
N VAL B 57 -25.75 -0.41 17.18
CA VAL B 57 -24.71 0.50 16.71
C VAL B 57 -25.36 1.72 16.03
N LEU B 58 -26.49 1.53 15.34
CA LEU B 58 -27.16 2.67 14.72
C LEU B 58 -27.79 3.59 15.78
N LYS B 59 -28.18 3.04 16.93
CA LYS B 59 -28.65 3.84 18.07
C LYS B 59 -27.51 4.70 18.64
N LEU B 60 -26.32 4.12 18.81
CA LEU B 60 -25.15 4.91 19.20
C LEU B 60 -24.93 6.07 18.23
N VAL B 61 -25.06 5.82 16.93
CA VAL B 61 -24.82 6.86 15.95
C VAL B 61 -25.87 7.97 16.01
N ALA B 62 -27.15 7.60 16.18
CA ALA B 62 -28.19 8.62 16.38
C ALA B 62 -27.85 9.50 17.60
N ALA B 63 -27.43 8.89 18.73
CA ALA B 63 -27.14 9.74 19.89
C ALA B 63 -25.96 10.66 19.57
N LEU B 64 -25.01 10.17 18.76
CA LEU B 64 -23.82 10.93 18.40
C LEU B 64 -24.21 12.12 17.53
N ASN B 65 -25.06 11.86 16.54
CA ASN B 65 -25.54 12.91 15.66
C ASN B 65 -26.22 14.00 16.47
N THR B 66 -27.00 13.57 17.48
CA THR B 66 -27.85 14.49 18.24
C THR B 66 -26.94 15.39 19.07
N TYR B 67 -25.99 14.75 19.73
CA TYR B 67 -25.05 15.50 20.54
C TYR B 67 -24.29 16.55 19.72
N LYS B 68 -23.79 16.16 18.53
CA LYS B 68 -23.02 17.03 17.68
C LYS B 68 -23.87 18.19 17.15
N ASP B 69 -25.11 17.87 16.76
CA ASP B 69 -26.06 18.89 16.35
C ASP B 69 -26.33 19.86 17.48
N ALA B 70 -26.35 19.37 18.72
CA ALA B 70 -26.61 20.27 19.84
C ALA B 70 -25.37 21.12 20.13
N VAL B 71 -24.20 20.50 20.13
CA VAL B 71 -23.09 21.19 20.75
C VAL B 71 -22.12 21.80 19.73
N GLU B 72 -21.98 21.24 18.53
CA GLU B 72 -20.98 21.80 17.60
C GLU B 72 -21.29 23.24 17.17
N PRO B 73 -22.54 23.64 16.88
CA PRO B 73 -22.85 25.06 16.64
C PRO B 73 -22.44 26.01 17.78
N ILE B 74 -22.46 25.54 19.03
CA ILE B 74 -21.98 26.33 20.16
C ILE B 74 -20.45 26.45 20.15
N PHE B 75 -19.73 25.34 20.09
CA PHE B 75 -18.27 25.33 19.92
C PHE B 75 -17.84 26.27 18.77
N ASP B 76 -18.49 26.17 17.61
CA ASP B 76 -18.08 26.93 16.43
C ASP B 76 -18.32 28.43 16.63
N SER B 77 -19.53 28.82 17.06
CA SER B 77 -19.84 30.24 17.05
C SER B 77 -19.55 30.95 18.38
N ARG B 78 -19.52 30.23 19.52
CA ARG B 78 -19.48 30.94 20.80
C ARG B 78 -18.11 30.84 21.47
N LEU B 79 -17.23 30.00 20.94
CA LEU B 79 -15.86 29.96 21.44
C LEU B 79 -14.87 30.23 20.30
N ASN B 80 -13.72 30.86 20.66
CA ASN B 80 -12.74 31.36 19.69
C ASN B 80 -11.82 30.20 19.28
N SER B 81 -10.55 30.25 19.68
CA SER B 81 -9.73 29.05 19.71
C SER B 81 -9.79 28.43 21.10
N ALA B 82 -10.92 28.68 21.78
CA ALA B 82 -11.25 28.00 23.01
C ALA B 82 -11.92 26.65 22.70
N GLN B 83 -12.03 26.30 21.40
CA GLN B 83 -12.96 25.29 20.89
C GLN B 83 -12.33 24.34 19.88
N GLU B 84 -11.13 24.69 19.36
CA GLU B 84 -10.30 23.70 18.71
C GLU B 84 -9.56 22.92 19.80
N VAL B 85 -10.22 22.84 20.97
CA VAL B 85 -9.87 21.95 22.05
C VAL B 85 -11.04 20.99 22.27
N LEU B 86 -12.25 21.48 21.99
CA LEU B 86 -13.46 20.78 22.41
C LEU B 86 -14.00 19.83 21.34
N GLN B 87 -14.13 20.34 20.10
CA GLN B 87 -14.80 19.64 19.03
C GLN B 87 -14.14 18.28 18.70
N PRO B 88 -12.81 18.18 18.49
CA PRO B 88 -12.22 16.90 18.03
C PRO B 88 -12.35 15.72 18.98
N SER B 89 -12.41 15.98 20.31
CA SER B 89 -12.53 14.87 21.24
C SER B 89 -13.88 14.15 21.17
N ILE B 90 -14.90 14.75 20.54
CA ILE B 90 -16.19 14.08 20.45
C ILE B 90 -16.06 12.73 19.76
N LEU B 91 -15.48 12.69 18.58
CA LEU B 91 -15.32 11.39 17.92
C LEU B 91 -14.52 10.42 18.78
N GLU B 92 -13.54 10.92 19.54
CA GLU B 92 -12.69 10.03 20.32
C GLU B 92 -13.49 9.39 21.45
N GLU B 93 -14.28 10.23 22.12
CA GLU B 93 -15.13 9.69 23.17
C GLU B 93 -16.14 8.73 22.53
N PHE B 94 -16.58 9.04 21.31
CA PHE B 94 -17.52 8.14 20.64
C PHE B 94 -16.93 6.73 20.53
N PHE B 95 -15.65 6.63 20.15
CA PHE B 95 -15.06 5.33 19.92
C PHE B 95 -14.94 4.58 21.24
N GLU B 96 -14.67 5.32 22.31
CA GLU B 96 -14.68 4.69 23.63
C GLU B 96 -16.06 4.11 23.94
N TYR B 97 -17.15 4.79 23.52
CA TYR B 97 -18.45 4.17 23.75
C TYR B 97 -18.59 2.93 22.90
N LEU B 98 -18.23 3.06 21.61
CA LEU B 98 -18.49 2.00 20.67
C LEU B 98 -17.80 0.72 21.13
N PHE B 99 -16.62 0.85 21.74
CA PHE B 99 -15.78 -0.29 22.05
C PHE B 99 -15.70 -0.56 23.54
N SER B 100 -16.63 -0.02 24.33
CA SER B 100 -16.64 -0.23 25.77
C SER B 100 -17.11 -1.64 26.12
N ARG B 101 -17.62 -2.40 25.16
CA ARG B 101 -18.02 -3.74 25.52
C ARG B 101 -17.02 -4.81 25.05
N ILE B 102 -15.81 -4.46 24.57
CA ILE B 102 -14.98 -5.48 23.93
C ILE B 102 -14.42 -6.49 24.94
N ASP B 103 -14.38 -6.10 26.22
CA ASP B 103 -13.83 -6.98 27.25
C ASP B 103 -14.62 -8.29 27.33
N SER B 104 -15.96 -8.24 27.27
CA SER B 104 -16.76 -9.45 27.35
C SER B 104 -16.89 -10.12 25.99
N ILE B 105 -16.79 -9.37 24.89
CA ILE B 105 -16.93 -10.00 23.59
C ILE B 105 -15.78 -10.96 23.33
N VAL B 106 -14.57 -10.52 23.66
CA VAL B 106 -13.36 -11.21 23.26
C VAL B 106 -12.77 -11.97 24.45
N GLY B 107 -13.33 -11.81 25.66
CA GLY B 107 -12.93 -12.62 26.79
C GLY B 107 -11.55 -12.21 27.32
N VAL B 108 -11.21 -10.92 27.17
CA VAL B 108 -9.97 -10.45 27.76
C VAL B 108 -10.06 -9.01 28.26
N ASN B 109 -9.29 -8.68 29.30
CA ASN B 109 -9.47 -7.37 29.93
C ASN B 109 -8.52 -6.40 29.26
N ILE B 110 -9.02 -5.58 28.33
CA ILE B 110 -8.14 -4.80 27.46
C ILE B 110 -7.83 -3.46 28.13
N PRO B 111 -6.55 -3.14 28.46
CA PRO B 111 -6.29 -1.90 29.20
C PRO B 111 -6.34 -0.61 28.38
N ILE B 112 -6.09 -0.68 27.08
CA ILE B 112 -6.09 0.56 26.33
C ILE B 112 -7.26 0.53 25.35
N ARG B 113 -8.08 1.59 25.34
CA ARG B 113 -9.26 1.74 24.49
C ARG B 113 -9.63 3.22 24.47
N HIS B 114 -8.65 4.04 24.10
CA HIS B 114 -8.69 5.47 24.32
C HIS B 114 -7.48 6.03 23.60
N PRO B 115 -7.32 7.37 23.51
CA PRO B 115 -6.18 7.97 22.83
C PRO B 115 -4.95 7.56 23.62
N ALA B 116 -3.84 7.28 22.91
CA ALA B 116 -2.62 6.85 23.59
C ALA B 116 -1.48 7.02 22.60
N LYS B 117 -0.24 6.83 23.05
CA LYS B 117 0.93 6.91 22.18
C LYS B 117 1.41 5.50 21.91
N GLY B 118 1.32 5.04 20.65
CA GLY B 118 1.65 3.66 20.37
C GLY B 118 3.11 3.53 19.97
N TYR B 119 3.74 2.43 20.41
CA TYR B 119 5.16 2.20 20.25
C TYR B 119 5.56 2.34 18.79
N LEU B 120 6.65 3.06 18.47
CA LEU B 120 7.14 3.03 17.09
C LEU B 120 8.53 2.39 17.01
N SER B 121 9.48 2.80 17.87
CA SER B 121 10.88 2.39 17.75
C SER B 121 11.64 2.45 19.08
N LEU B 122 12.72 1.68 19.13
CA LEU B 122 13.70 1.67 20.22
C LEU B 122 15.04 1.95 19.58
N SER B 123 15.73 2.97 20.10
CA SER B 123 17.09 3.22 19.67
C SER B 123 17.96 3.58 20.87
N PHE B 124 19.27 3.48 20.65
CA PHE B 124 20.22 3.56 21.74
C PHE B 124 21.05 4.80 21.55
N ASN B 125 21.16 5.61 22.61
CA ASN B 125 21.87 6.85 22.52
C ASN B 125 22.76 7.03 23.76
N PRO B 126 23.77 6.16 23.99
CA PRO B 126 24.64 6.25 25.17
C PRO B 126 25.36 7.58 25.31
N HIS B 127 25.55 8.05 26.55
CA HIS B 127 26.36 9.24 26.86
C HIS B 127 27.82 9.02 26.49
N ASN B 128 28.34 7.82 26.75
CA ASN B 128 29.77 7.60 26.54
C ASN B 128 30.05 6.11 26.62
N ILE B 129 31.31 5.76 26.49
CA ILE B 129 31.68 4.36 26.31
C ILE B 129 31.42 3.59 27.60
N GLU B 130 31.61 4.24 28.74
CA GLU B 130 31.28 3.75 30.07
C GLU B 130 29.79 3.38 30.15
N THR B 131 28.94 4.35 29.92
CA THR B 131 27.50 4.22 29.88
C THR B 131 27.05 3.11 28.92
N LEU B 132 27.61 3.06 27.70
CA LEU B 132 27.23 2.01 26.77
C LEU B 132 27.42 0.65 27.43
N ILE B 133 28.49 0.45 28.21
CA ILE B 133 28.69 -0.89 28.76
C ILE B 133 27.81 -1.15 30.00
N GLN B 134 27.75 -0.17 30.89
CA GLN B 134 27.13 -0.31 32.20
C GLN B 134 25.62 -0.20 32.13
N SER B 135 25.09 0.79 31.41
CA SER B 135 23.65 1.04 31.36
C SER B 135 23.28 1.92 30.16
N PRO B 136 23.12 1.37 28.94
CA PRO B 136 22.98 2.19 27.74
C PRO B 136 21.69 3.01 27.72
N GLU B 137 21.81 4.35 27.62
CA GLU B 137 20.64 5.17 27.55
C GLU B 137 19.94 4.92 26.21
N TYR B 138 18.60 5.05 26.24
CA TYR B 138 17.83 4.71 25.07
C TYR B 138 16.57 5.56 24.98
N THR B 139 15.93 5.52 23.80
CA THR B 139 14.75 6.29 23.49
C THR B 139 13.72 5.35 22.90
N VAL B 140 12.51 5.37 23.44
CA VAL B 140 11.34 4.81 22.78
C VAL B 140 10.59 5.92 22.08
N ARG B 141 10.51 5.89 20.74
CA ARG B 141 9.65 6.83 20.05
C ARG B 141 8.27 6.18 19.99
N ALA B 142 7.24 6.99 20.23
CA ALA B 142 5.86 6.56 20.17
C ALA B 142 5.06 7.61 19.41
N LYS B 143 3.89 7.23 18.88
CA LYS B 143 3.09 8.18 18.17
C LYS B 143 1.73 8.28 18.87
N ASP B 144 1.31 9.52 19.11
CA ASP B 144 -0.02 9.82 19.65
C ASP B 144 -1.04 9.47 18.57
N HIS B 145 -2.03 8.68 18.94
CA HIS B 145 -3.15 8.38 18.04
C HIS B 145 -4.43 8.75 18.76
N ASP B 146 -5.44 9.14 17.96
CA ASP B 146 -6.70 9.64 18.47
C ASP B 146 -7.41 8.51 19.24
N PHE B 147 -7.16 7.24 18.85
CA PHE B 147 -7.82 6.14 19.55
C PHE B 147 -7.05 4.86 19.32
N ILE B 148 -6.78 4.08 20.39
CA ILE B 148 -6.00 2.85 20.30
C ILE B 148 -6.79 1.74 21.01
N ILE B 149 -6.85 0.53 20.42
CA ILE B 149 -7.12 -0.68 21.19
C ILE B 149 -5.85 -1.50 21.24
N GLY B 150 -5.35 -1.72 22.46
CA GLY B 150 -4.07 -2.41 22.61
C GLY B 150 -3.78 -2.84 24.05
N GLY B 151 -2.55 -3.40 24.22
CA GLY B 151 -2.03 -3.76 25.51
C GLY B 151 -0.98 -2.75 25.97
N SER B 152 -0.68 -2.76 27.27
CA SER B 152 0.49 -2.07 27.78
C SER B 152 1.54 -3.08 28.23
N ALA B 153 2.81 -2.71 28.17
CA ALA B 153 3.91 -3.61 28.48
C ALA B 153 4.98 -2.76 29.16
N LYS B 154 5.89 -3.43 29.86
CA LYS B 154 7.11 -2.79 30.30
C LYS B 154 8.26 -3.32 29.46
N LEU B 155 9.11 -2.38 29.01
CA LEU B 155 10.35 -2.59 28.28
C LEU B 155 11.50 -2.26 29.23
N THR B 156 12.33 -3.25 29.55
CA THR B 156 13.53 -3.01 30.37
C THR B 156 14.80 -3.25 29.56
N ILE B 157 15.78 -2.35 29.69
CA ILE B 157 17.14 -2.52 29.18
C ILE B 157 18.06 -2.62 30.38
N GLN B 158 18.98 -3.57 30.33
CA GLN B 158 20.00 -3.72 31.35
C GLN B 158 21.36 -3.95 30.68
N GLY B 159 22.37 -3.22 31.18
CA GLY B 159 23.77 -3.42 30.82
C GLY B 159 24.48 -4.29 31.86
N HIS B 160 25.82 -4.23 31.85
CA HIS B 160 26.69 -4.95 32.78
C HIS B 160 26.49 -4.47 34.21
N GLY B 161 26.22 -3.18 34.41
CA GLY B 161 25.98 -2.63 35.74
C GLY B 161 24.63 -2.98 36.36
N GLY B 162 24.00 -4.08 35.95
CA GLY B 162 22.99 -4.75 36.78
C GLY B 162 21.63 -4.06 36.96
N GLU B 163 21.52 -2.72 37.05
CA GLU B 163 20.20 -2.10 37.20
C GLU B 163 19.41 -2.12 35.88
N GLY B 164 18.09 -2.38 35.95
CA GLY B 164 17.26 -2.26 34.76
C GLY B 164 16.63 -0.88 34.68
N GLU B 165 16.65 -0.26 33.48
CA GLU B 165 15.93 0.96 33.18
C GLU B 165 14.67 0.58 32.40
N THR B 166 13.49 0.90 32.94
CA THR B 166 12.22 0.40 32.44
C THR B 166 11.40 1.54 31.82
N THR B 167 10.69 1.25 30.72
CA THR B 167 9.76 2.23 30.17
C THR B 167 8.44 1.52 29.86
N ASN B 168 7.34 2.17 30.21
CA ASN B 168 5.98 1.73 29.98
C ASN B 168 5.63 1.98 28.52
N ILE B 169 5.05 1.00 27.81
CA ILE B 169 4.75 1.31 26.42
C ILE B 169 3.35 0.84 26.06
N VAL B 170 2.84 1.36 24.94
CA VAL B 170 1.57 0.81 24.49
C VAL B 170 1.81 0.13 23.16
N VAL B 171 1.30 -1.11 23.01
CA VAL B 171 1.34 -1.86 21.77
C VAL B 171 -0.10 -2.00 21.20
N PRO B 172 -0.42 -1.31 20.09
CA PRO B 172 -1.78 -1.31 19.56
C PRO B 172 -2.08 -2.55 18.70
N ALA B 173 -3.31 -3.05 18.73
CA ALA B 173 -3.90 -3.92 17.73
C ALA B 173 -4.70 -3.12 16.69
N VAL B 174 -5.21 -1.96 17.09
CA VAL B 174 -6.02 -1.06 16.27
C VAL B 174 -5.68 0.37 16.68
N ALA B 175 -5.54 1.26 15.70
CA ALA B 175 -5.30 2.66 15.95
C ALA B 175 -6.13 3.44 14.95
N ILE B 176 -6.77 4.53 15.40
CA ILE B 176 -7.71 5.26 14.58
C ILE B 176 -7.42 6.74 14.75
N GLU B 177 -7.19 7.48 13.66
CA GLU B 177 -7.13 8.94 13.72
C GLU B 177 -8.52 9.51 13.47
N CYS B 178 -8.89 10.58 14.20
CA CYS B 178 -10.24 11.15 14.07
C CYS B 178 -10.13 12.64 13.79
N LYS B 179 -10.67 13.08 12.65
CA LYS B 179 -10.58 14.49 12.27
C LYS B 179 -11.93 14.94 11.74
N ARG B 180 -12.21 16.24 11.84
CA ARG B 180 -13.41 16.83 11.26
C ARG B 180 -13.28 16.84 9.73
N TYR B 181 -12.17 17.40 9.25
CA TYR B 181 -11.94 17.31 7.81
C TYR B 181 -10.54 16.80 7.55
N LEU B 182 -10.40 16.01 6.47
CA LEU B 182 -9.12 15.52 5.98
C LEU B 182 -8.59 16.42 4.86
N GLU B 183 -7.43 17.04 5.08
CA GLU B 183 -6.78 17.86 4.06
C GLU B 183 -5.46 17.22 3.64
N ARG B 184 -4.65 17.89 2.81
CA ARG B 184 -3.49 17.29 2.15
C ARG B 184 -2.41 16.93 3.17
N ASN B 185 -1.94 17.97 3.86
CA ASN B 185 -0.98 17.89 4.95
C ASN B 185 -1.31 16.74 5.90
N MET B 186 -2.55 16.66 6.39
CA MET B 186 -2.88 15.66 7.39
C MET B 186 -2.82 14.25 6.79
N LEU B 187 -3.28 14.10 5.56
CA LEU B 187 -3.38 12.75 5.02
C LEU B 187 -1.96 12.22 4.78
N ASP B 188 -1.06 13.10 4.32
CA ASP B 188 0.34 12.75 4.11
C ASP B 188 1.00 12.34 5.43
N GLU B 189 0.74 13.14 6.48
CA GLU B 189 1.24 12.84 7.82
C GLU B 189 0.72 11.47 8.27
N CYS B 190 -0.51 11.11 7.89
CA CYS B 190 -1.09 9.83 8.29
C CYS B 190 -0.43 8.67 7.55
N ALA B 191 -0.08 8.90 6.28
CA ALA B 191 0.54 7.90 5.44
C ALA B 191 1.97 7.64 5.88
N GLY B 192 2.67 8.68 6.33
CA GLY B 192 4.00 8.50 6.91
C GLY B 192 3.93 7.74 8.23
N THR B 193 2.88 7.98 9.03
CA THR B 193 2.78 7.32 10.32
C THR B 193 2.45 5.85 10.09
N ALA B 194 1.63 5.60 9.08
CA ALA B 194 1.26 4.24 8.71
C ALA B 194 2.49 3.42 8.37
N GLU B 195 3.42 4.01 7.62
CA GLU B 195 4.65 3.30 7.28
C GLU B 195 5.41 2.91 8.54
N ARG B 196 5.63 3.86 9.46
CA ARG B 196 6.32 3.59 10.72
C ARG B 196 5.49 2.56 11.50
N LEU B 197 4.17 2.73 11.54
CA LEU B 197 3.35 1.91 12.41
C LEU B 197 3.36 0.43 11.97
N LYS B 198 3.51 0.17 10.67
CA LYS B 198 3.52 -1.19 10.16
C LYS B 198 4.84 -1.93 10.34
N ARG B 199 5.93 -1.17 10.46
CA ARG B 199 7.22 -1.78 10.79
C ARG B 199 7.22 -2.14 12.29
N ALA B 200 6.65 -1.28 13.13
CA ALA B 200 6.69 -1.44 14.56
C ALA B 200 5.77 -2.56 15.03
N THR B 201 4.59 -2.64 14.44
CA THR B 201 3.53 -3.55 14.82
C THR B 201 2.82 -3.93 13.53
N PRO B 202 3.33 -4.91 12.75
CA PRO B 202 2.71 -5.26 11.47
C PRO B 202 1.24 -5.69 11.50
N TYR B 203 0.74 -6.07 12.68
CA TYR B 203 -0.58 -6.63 12.84
C TYR B 203 -1.54 -5.61 13.45
N CYS B 204 -1.11 -4.34 13.44
CA CYS B 204 -2.00 -3.27 13.87
C CYS B 204 -2.82 -2.76 12.70
N LEU B 205 -4.14 -2.71 12.86
CA LEU B 205 -5.07 -2.15 11.89
C LEU B 205 -5.00 -0.63 12.05
N TYR B 206 -4.94 0.11 10.94
CA TYR B 206 -4.83 1.54 11.00
C TYR B 206 -5.89 2.23 10.15
N PHE B 207 -6.69 3.06 10.80
CA PHE B 207 -7.84 3.69 10.17
C PHE B 207 -7.75 5.21 10.28
N VAL B 208 -8.13 5.93 9.21
CA VAL B 208 -8.27 7.37 9.31
C VAL B 208 -9.75 7.71 9.14
N VAL B 209 -10.35 8.29 10.19
CA VAL B 209 -11.76 8.62 10.12
C VAL B 209 -11.91 10.13 10.09
N ALA B 210 -12.63 10.64 9.08
CA ALA B 210 -12.93 12.06 8.99
C ALA B 210 -14.42 12.23 8.66
N GLU B 211 -14.99 13.40 8.97
CA GLU B 211 -16.39 13.67 8.57
C GLU B 211 -16.43 14.26 7.16
N TYR B 212 -15.53 15.22 6.92
CA TYR B 212 -15.49 15.91 5.63
C TYR B 212 -14.17 15.69 4.92
N LEU B 213 -14.22 15.67 3.58
CA LEU B 213 -13.01 15.58 2.76
C LEU B 213 -12.63 16.95 2.22
N LYS B 214 -11.33 17.26 2.22
CA LYS B 214 -10.82 18.54 1.77
C LYS B 214 -9.48 18.31 1.06
N LEU B 215 -9.49 17.39 0.07
CA LEU B 215 -8.40 17.34 -0.88
C LEU B 215 -8.86 18.11 -2.12
N ASP B 216 -8.22 19.25 -2.35
CA ASP B 216 -8.64 20.16 -3.41
C ASP B 216 -7.48 20.32 -4.37
N ASP B 217 -7.76 20.02 -5.66
CA ASP B 217 -6.82 20.02 -6.78
C ASP B 217 -5.74 18.94 -6.62
N GLY B 218 -5.93 18.01 -5.67
CA GLY B 218 -4.87 17.10 -5.25
C GLY B 218 -5.34 15.66 -5.07
N ALA B 219 -4.37 14.73 -5.08
CA ALA B 219 -4.63 13.30 -5.16
C ALA B 219 -4.22 12.60 -3.88
N PRO B 220 -5.14 11.88 -3.19
CA PRO B 220 -4.87 11.31 -1.87
C PRO B 220 -3.76 10.26 -1.89
N GLU B 221 -2.90 10.27 -0.86
CA GLU B 221 -1.87 9.26 -0.70
C GLU B 221 -2.40 8.15 0.23
N LEU B 222 -2.43 6.94 -0.31
CA LEU B 222 -3.16 5.81 0.25
C LEU B 222 -2.10 4.79 0.68
N THR B 223 -1.18 5.22 1.55
CA THR B 223 0.03 4.46 1.77
C THR B 223 -0.33 3.12 2.42
N GLU B 224 -0.05 2.96 3.70
CA GLU B 224 -0.24 1.71 4.40
C GLU B 224 -1.45 1.80 5.32
N ILE B 225 -2.32 2.79 5.04
CA ILE B 225 -3.56 2.99 5.77
C ILE B 225 -4.54 1.91 5.36
N ASP B 226 -5.15 1.19 6.31
CA ASP B 226 -6.07 0.13 5.92
C ASP B 226 -7.40 0.67 5.41
N GLU B 227 -7.99 1.71 6.04
CA GLU B 227 -9.22 2.32 5.52
C GLU B 227 -9.26 3.81 5.87
N ILE B 228 -9.89 4.57 4.97
CA ILE B 228 -10.26 5.95 5.26
C ILE B 228 -11.76 6.07 5.11
N TYR B 229 -12.43 6.57 6.17
CA TYR B 229 -13.88 6.78 6.18
C TYR B 229 -14.19 8.28 6.15
N ILE B 230 -15.12 8.67 5.29
CA ILE B 230 -15.60 10.02 5.23
C ILE B 230 -17.07 9.97 5.67
N LEU B 231 -17.33 10.23 6.95
CA LEU B 231 -18.58 9.82 7.59
C LEU B 231 -19.84 10.53 7.05
N ARG B 232 -19.66 11.72 6.46
CA ARG B 232 -20.76 12.56 6.03
C ARG B 232 -20.78 12.68 4.50
N HIS B 233 -19.93 11.94 3.79
CA HIS B 233 -20.00 11.91 2.35
C HIS B 233 -20.00 13.31 1.72
N GLN B 234 -19.48 14.35 2.39
CA GLN B 234 -19.49 15.69 1.79
C GLN B 234 -18.08 16.29 1.83
N ARG B 235 -17.92 17.33 0.99
CA ARG B 235 -16.68 18.09 0.83
C ARG B 235 -16.70 19.20 1.88
N ASN B 236 -15.52 19.61 2.34
CA ASN B 236 -15.41 20.60 3.39
C ASN B 236 -15.90 21.98 2.91
N SER B 237 -15.95 22.22 1.59
CA SER B 237 -16.03 23.57 1.09
C SER B 237 -17.50 23.93 0.95
N GLU B 238 -18.33 22.90 1.15
CA GLU B 238 -19.78 23.02 1.19
C GLU B 238 -20.23 23.75 2.46
N ARG B 239 -19.41 23.68 3.53
CA ARG B 239 -19.71 24.11 4.89
C ARG B 239 -19.94 25.62 4.98
N ASN B 240 -19.15 26.41 4.26
CA ASN B 240 -19.38 27.84 4.40
C ASN B 240 -20.35 28.38 3.34
N LYS B 241 -20.80 27.54 2.39
CA LYS B 241 -21.62 28.00 1.26
C LYS B 241 -23.05 28.32 1.72
N PRO B 242 -23.80 29.19 0.98
CA PRO B 242 -25.09 29.74 1.41
C PRO B 242 -25.91 29.02 2.48
N GLY B 243 -26.96 28.31 2.05
CA GLY B 243 -27.83 27.53 2.91
C GLY B 243 -27.46 26.05 2.82
N PHE B 244 -26.57 25.63 3.72
CA PHE B 244 -25.94 24.32 3.68
C PHE B 244 -26.56 23.40 4.74
N LYS B 245 -26.99 22.22 4.30
CA LYS B 245 -27.39 21.11 5.16
C LYS B 245 -26.24 20.10 5.25
N PRO B 246 -25.68 19.88 6.47
CA PRO B 246 -24.68 18.82 6.66
C PRO B 246 -25.38 17.47 6.72
N ASN B 247 -24.96 16.55 5.84
CA ASN B 247 -25.35 15.15 6.00
C ASN B 247 -25.04 14.65 7.41
N PRO B 248 -25.85 13.73 7.95
CA PRO B 248 -25.54 13.15 9.26
C PRO B 248 -24.33 12.26 9.13
N ILE B 249 -23.71 11.91 10.27
CA ILE B 249 -22.72 10.87 10.29
C ILE B 249 -23.43 9.58 9.94
N ASP B 250 -22.89 8.89 8.91
CA ASP B 250 -23.52 7.71 8.37
C ASP B 250 -23.25 6.51 9.27
N GLY B 251 -24.33 5.96 9.81
CA GLY B 251 -24.34 4.78 10.63
C GLY B 251 -23.80 3.54 9.90
N GLU B 252 -23.97 3.45 8.58
CA GLU B 252 -23.54 2.24 7.90
C GLU B 252 -22.01 2.13 7.88
N LEU B 253 -21.34 3.28 7.88
CA LEU B 253 -19.88 3.30 7.89
C LEU B 253 -19.36 2.85 9.24
N ILE B 254 -20.01 3.34 10.30
CA ILE B 254 -19.58 3.00 11.65
C ILE B 254 -19.85 1.52 11.86
N TRP B 255 -20.99 1.03 11.39
CA TRP B 255 -21.26 -0.40 11.44
C TRP B 255 -20.19 -1.16 10.67
N ASP B 256 -19.80 -0.68 9.48
CA ASP B 256 -18.76 -1.37 8.72
C ASP B 256 -17.45 -1.39 9.52
N LEU B 257 -17.09 -0.26 10.15
CA LEU B 257 -15.81 -0.11 10.85
C LEU B 257 -15.75 -1.02 12.08
N TYR B 258 -16.89 -1.09 12.81
CA TYR B 258 -17.05 -1.91 13.99
C TYR B 258 -16.77 -3.37 13.64
N GLN B 259 -17.42 -3.84 12.56
CA GLN B 259 -17.32 -5.24 12.18
C GLN B 259 -15.86 -5.55 11.86
N GLU B 260 -15.17 -4.61 11.20
CA GLU B 260 -13.81 -4.86 10.73
C GLU B 260 -12.87 -4.92 11.92
N VAL B 261 -13.03 -3.99 12.88
CA VAL B 261 -12.30 -4.03 14.11
C VAL B 261 -12.52 -5.37 14.83
N MET B 262 -13.78 -5.74 15.05
CA MET B 262 -14.05 -6.95 15.82
C MET B 262 -13.51 -8.19 15.13
N ASN B 263 -13.57 -8.24 13.79
CA ASN B 263 -13.08 -9.39 13.06
C ASN B 263 -11.58 -9.49 13.31
N HIS B 264 -10.90 -8.34 13.31
CA HIS B 264 -9.47 -8.32 13.48
C HIS B 264 -9.08 -8.80 14.90
N LEU B 265 -9.85 -8.36 15.91
CA LEU B 265 -9.51 -8.62 17.31
C LEU B 265 -9.73 -10.09 17.67
N GLY B 266 -10.51 -10.81 16.87
CA GLY B 266 -10.76 -12.20 17.19
C GLY B 266 -9.83 -13.17 16.46
N LYS B 267 -8.94 -12.67 15.57
CA LYS B 267 -8.18 -13.57 14.69
C LYS B 267 -6.82 -13.87 15.29
N ILE B 268 -6.09 -14.77 14.62
CA ILE B 268 -4.78 -15.20 15.06
C ILE B 268 -3.61 -14.26 14.74
N TRP B 269 -3.45 -13.68 13.56
CA TRP B 269 -2.29 -12.78 13.37
C TRP B 269 -0.93 -13.46 13.16
N TRP B 270 -0.21 -13.86 14.20
CA TRP B 270 1.14 -14.38 14.05
C TRP B 270 1.23 -15.76 14.67
N ASP B 271 2.20 -16.47 14.14
CA ASP B 271 2.29 -17.89 14.35
C ASP B 271 3.72 -18.30 13.98
N PRO B 272 4.48 -18.95 14.88
CA PRO B 272 5.84 -19.38 14.52
C PRO B 272 5.87 -20.29 13.28
N ASN B 273 4.80 -21.09 13.03
CA ASN B 273 4.79 -21.95 11.84
C ASN B 273 3.43 -22.18 11.17
N SER B 274 2.39 -22.56 11.95
CA SER B 274 1.06 -23.05 11.58
C SER B 274 1.07 -24.44 10.93
TA1 TBR C . -5.96 -4.50 -34.34
TA1 TBR C . -5.37 -3.10 -34.22
TA2 TBR C . -4.18 -2.33 -34.90
TA2 TBR C . -2.54 -3.01 -34.38
TA3 TBR C . -3.66 -4.06 -32.66
TA3 TBR C . -3.81 -4.64 -32.34
TA4 TBR C . -1.99 -4.23 -34.98
TA4 TBR C . -2.31 -5.85 -34.56
TA5 TBR C . -3.76 -6.40 -34.40
TA5 TBR C . -5.21 -5.99 -34.41
TA6 TBR C . -4.29 -4.66 -36.67
TA6 TBR C . -3.96 -4.43 -36.44
BR1 TBR C . -6.71 -2.01 -34.52
BR1 TBR C . -4.06 -0.84 -34.30
BR2 TBR C . -6.10 -4.17 -31.77
BR2 TBR C . -5.72 -2.78 -31.64
BR3 TBR C . -6.23 -7.08 -34.11
BR3 TBR C . -7.59 -4.61 -34.24
BR4 TBR C . -6.84 -4.98 -36.74
BR4 TBR C . -5.88 -2.66 -36.78
BR5 TBR C . -4.01 -1.48 -32.49
BR5 TBR C . -2.06 -2.70 -31.81
BR6 TBR C . -3.41 -6.48 -31.83
BR6 TBR C . -5.54 -6.52 -31.93
BR7 TBR C . -1.20 -6.70 -34.64
BR7 TBR C . -3.64 -8.11 -34.50
BR8 TBR C . -1.89 -4.36 -37.58
BR8 TBR C . -1.94 -6.11 -37.13
BR9 TBR C . -1.65 -1.71 -34.99
BR9 TBR C . -0.22 -4.33 -34.47
BRA TBR C . -1.13 -3.80 -32.58
BRA TBR C . -1.82 -6.30 -32.02
BRB TBR C . -3.57 -7.17 -36.86
BRB TBR C . -5.72 -6.39 -36.94
BRC TBR C . -4.71 -2.25 -37.44
BRC TBR C . -2.34 -2.55 -36.85
TA1 TBR D . -19.65 -0.90 0.75
TA2 TBR D . -21.78 -2.89 0.49
TA3 TBR D . -21.44 -1.47 3.02
TA4 TBR D . -23.75 -0.90 1.34
TA5 TBR D . -21.61 1.05 1.60
TA6 TBR D . -21.99 -0.37 -0.95
BR1 TBR D . -19.27 -3.37 -0.03
BR2 TBR D . -18.84 -1.80 3.07
BR3 TBR D . -19.10 1.56 1.23
BR4 TBR D . -19.50 -0.12 -1.73
BR5 TBR D . -21.59 -4.06 2.80
BR6 TBR D . -21.28 0.87 4.16
BR7 TBR D . -24.15 1.56 2.04
BR8 TBR D . -24.59 -0.07 -1.00
BR9 TBR D . -24.33 -3.35 0.78
BRA TBR D . -23.92 -1.74 3.82
BRB TBR D . -21.83 2.21 -0.73
BRC TBR D . -22.22 -2.73 -2.06
TA1 TBR E . -10.64 14.09 -13.24
TA2 TBR E . -12.66 15.55 -11.69
TA3 TBR E . -11.98 16.45 -14.39
TA4 TBR E . -14.57 15.21 -13.86
TA5 TBR E . -12.55 13.77 -15.38
TA6 TBR E . -13.25 12.86 -12.70
BR1 TBR E . -10.23 15.16 -10.87
BR2 TBR E . -9.36 16.15 -14.20
BR3 TBR E . -10.12 12.81 -15.45
BR4 TBR E . -10.96 11.76 -12.12
BR5 TBR E . -11.99 18.00 -12.27
BR6 TBR E . -11.73 15.72 -16.88
BR7 TBR E . -15.01 14.16 -16.19
BR8 TBR E . -15.86 13.15 -12.90
BR9 TBR E . -15.10 16.44 -11.65
BRA TBR E . -14.26 17.54 -15.01
BRB TBR E . -13.36 11.36 -14.84
BRC TBR E . -13.50 13.60 -10.22
TA1 TBR F . -5.09 -2.57 -4.88
TA2 TBR F . -6.21 -5.18 -4.23
TA3 TBR F . -7.53 -2.73 -3.24
TA4 TBR F . -8.77 -4.37 -5.32
TA5 TBR F . -7.65 -1.76 -6.01
TA6 TBR F . -6.33 -4.18 -6.99
BR1 TBR F . -3.72 -4.50 -3.77
BR2 TBR F . -5.29 -1.58 -2.48
BR3 TBR F . -5.56 -0.23 -5.90
BR4 TBR F . -3.91 -3.21 -7.11
BR5 TBR F . -6.78 -4.73 -1.72
BR6 TBR F . -8.56 -0.45 -3.96
BR7 TBR F . -10.11 -2.50 -6.54
BR8 TBR F . -8.49 -5.50 -7.66
BR9 TBR F . -8.31 -6.71 -4.30
BRA TBR F . -9.94 -3.71 -3.08
BRB TBR F . -7.06 -2.19 -8.51
BRC TBR F . -5.36 -6.49 -6.30
TA1 TBR G . 14.02 -4.38 5.86
TA2 TBR G . 11.16 -3.97 6.30
TA3 TBR G . 12.27 -3.75 3.60
TA4 TBR G . 10.57 -6.03 4.32
TA5 TBR G . 13.42 -6.44 3.88
TA6 TBR G . 12.33 -6.66 6.58
BR1 TBR G . 13.02 -2.62 7.52
BR2 TBR G . 14.40 -2.36 4.26
BR3 TBR G . 15.83 -5.69 4.55
BR4 TBR G . 14.50 -6.01 7.85
BR5 TBR G . 10.87 -1.88 4.78
BR6 TBR G . 13.70 -4.96 1.78
BR7 TBR G . 11.57 -7.84 2.71
BR8 TBR G . 10.12 -7.95 6.00
BR9 TBR G . 8.76 -4.68 5.60
BRA TBR G . 10.11 -4.46 2.30
BRB TBR G . 13.79 -8.51 5.41
BRC TBR G . 10.88 -5.47 8.40
TA1 TBR H . 16.44 37.76 -19.07
TA2 TBR H . 15.92 40.16 -17.48
TA3 TBR H . 14.95 40.00 -20.25
TA4 TBR H . 13.07 39.89 -18.00
TA5 TBR H . 13.57 37.49 -19.58
TA6 TBR H . 14.56 37.65 -16.82
BR1 TBR H . 18.29 39.17 -17.84
BR2 TBR H . 17.13 38.94 -21.29
BR3 TBR H . 15.39 35.84 -20.47
BR4 TBR H . 16.55 35.99 -17.16
BR5 TBR H . 16.54 41.87 -19.33
BR6 TBR H . 13.59 38.54 -21.94
BR7 TBR H . 11.19 38.48 -19.17
BR8 TBR H . 12.39 38.71 -15.78
BR9 TBR H . 14.10 41.81 -16.60
BRA TBR H . 12.94 41.64 -19.94
BRB TBR H . 13.03 35.73 -17.74
BRC TBR H . 15.85 39.15 -15.11
TA1 TBR I . 14.70 6.43 2.26
TA2 TBR I . 12.56 5.86 4.14
TA3 TBR I . 12.00 7.51 1.78
TA4 TBR I . 10.91 4.79 1.99
TA5 TBR I . 13.06 5.35 0.10
TA6 TBR I . 13.61 3.71 2.45
BR1 TBR I . 14.86 6.89 4.82
BR2 TBR I . 14.16 8.98 2.02
BR3 TBR I . 15.45 6.34 -0.21
BR4 TBR I . 16.14 4.27 2.64
BR5 TBR I . 11.38 8.19 4.22
BR6 TBR I . 12.33 7.68 -0.79
BR7 TBR I . 10.74 4.31 -0.57
BR8 TBR I . 11.43 2.26 2.46
BR9 TBR I . 10.13 4.95 4.46
BRA TBR I . 9.46 6.92 1.49
BRB TBR I . 14.08 2.96 0.00
BRC TBR I . 13.56 3.65 5.03
BR BR J . 20.36 -21.35 -14.89
BR BR K . 2.75 -7.56 -35.43
BR BR L . 7.32 10.76 -0.04
C1 EDO M . 11.13 12.32 -4.28
O1 EDO M . 12.53 12.42 -4.05
C2 EDO M . 10.93 12.31 -5.82
O2 EDO M . 9.69 11.74 -6.28
S SO4 N . -8.01 -18.35 -31.93
O1 SO4 N . -9.44 -18.37 -32.29
O2 SO4 N . -7.28 -17.67 -33.03
O3 SO4 N . -7.89 -17.68 -30.60
O4 SO4 N . -7.44 -19.73 -31.80
C ACT O . 1.68 -19.18 -6.17
O ACT O . 0.75 -18.48 -6.65
OXT ACT O . 2.15 -18.95 -5.03
CH3 ACT O . 2.24 -20.30 -7.02
TA1 TBR P . -8.23 -3.06 34.48
TA2 TBR P . -9.54 -1.55 36.61
TA3 TBR P . -8.97 -0.26 34.08
TA4 TBR P . -11.68 -1.00 34.86
TA5 TBR P . -10.37 -2.46 32.69
TA6 TBR P . -10.94 -3.73 35.24
BR1 TBR P . -7.26 -2.76 36.95
BR2 TBR P . -6.57 -1.17 33.73
BR3 TBR P . -8.21 -3.82 31.98
BR4 TBR P . -8.97 -5.40 35.17
BR5 TBR P . -8.14 0.68 36.43
BR6 TBR P . -9.41 -0.45 31.46
BR7 TBR P . -12.68 -1.32 32.43
BR8 TBR P . -13.35 -2.85 35.62
BR9 TBR P . -11.66 -0.20 37.33
BRA TBR P . -10.98 1.43 34.06
BRB TBR P . -11.69 -4.73 32.95
BRC TBR P . -10.57 -3.51 37.87
TA1 TBR Q . 11.69 4.67 7.71
TA2 TBR Q . 12.54 7.45 7.36
TA3 TBR Q . 11.19 6.06 5.16
TA4 TBR Q . 9.79 8.20 6.67
TA5 TBR Q . 8.96 5.44 6.97
TA6 TBR Q . 10.34 6.79 9.20
BR1 TBR Q . 14.14 5.52 8.08
BR2 TBR Q . 12.42 3.74 5.39
BR3 TBR Q . 9.66 3.02 7.65
BR4 TBR Q . 11.28 4.63 10.30
BR5 TBR Q . 13.55 7.20 4.99
BR6 TBR Q . 9.00 4.82 4.48
BR7 TBR Q . 7.32 7.42 6.52
BR8 TBR Q . 9.03 9.08 9.02
BR9 TBR Q . 11.75 9.90 6.89
BRA TBR Q . 10.15 8.16 4.06
BRB TBR Q . 8.00 5.62 9.36
BRC TBR Q . 12.49 8.09 9.87
TA1 TBR R . -4.20 -9.40 6.78
TA2 TBR R . -5.81 -8.17 8.89
TA3 TBR R . -5.39 -6.74 6.37
TA4 TBR R . -8.03 -7.85 7.02
TA5 TBR R . -6.42 -9.08 4.92
TA6 TBR R . -6.84 -10.51 7.44
BR3 TBR R . -4.11 -10.10 4.29
BR6 TBR R . -5.64 -6.91 3.77
BR9 TBR R . -8.16 -7.26 9.54
BRA TBR R . -7.57 -5.32 6.50
BRB TBR R . -7.37 -11.50 5.09
BRC TBR R . -6.64 -10.32 10.04
BR BR S . 14.88 -0.34 10.13
BR BR T . -5.81 -4.32 34.37
BR BR U . -14.36 0.74 35.42
S SO4 V . -29.62 -2.54 23.68
O1 SO4 V . -29.81 -1.48 22.66
O2 SO4 V . -28.24 -3.07 23.61
O3 SO4 V . -29.85 -1.95 25.02
O4 SO4 V . -30.56 -3.67 23.42
#